data_5C5G
#
_entry.id   5C5G
#
_cell.length_a   44.748
_cell.length_b   60.205
_cell.length_c   98.595
_cell.angle_alpha   90.000
_cell.angle_beta   90.000
_cell.angle_gamma   90.000
#
_symmetry.space_group_name_H-M   'P 21 21 21'
#
loop_
_entity.id
_entity.type
_entity.pdbx_description
1 polymer spherulin-4
2 non-polymer 1,2-ETHANEDIOL
3 water water
#
_entity_poly.entity_id   1
_entity_poly.type   'polypeptide(L)'
_entity_poly.pdbx_seq_one_letter_code
;SH(MSE)(MSE)GPKSKVFVPLYVYPAPGAWDPLEDVISKHPDVNFTVVINPGSGPGPEALPDGNYTREIPKLASYENVR
LLGYVATTYAKRNISEVRRDIETYAAWPTQSSNANLAVRGIFFDETPQQYDADILAYLRELTDVVKGTSGLGPDHYVVHN
PGAIPDSRYLSTADSTVVFEATYATFQERHGAELFDTIPDSHRDQLCAVIHSVPTSVEGSDLRGLVKQVRQVADEIFITH
LETDYYAGFGGQWSEFVDL(MSE)AS
;
_entity_poly.pdbx_strand_id   A
#
loop_
_chem_comp.id
_chem_comp.type
_chem_comp.name
_chem_comp.formula
EDO non-polymer 1,2-ETHANEDIOL 'C2 H6 O2'
#
# COMPACT_ATOMS: atom_id res chain seq x y z
N SER A 1 2.95 25.42 16.51
CA SER A 1 3.26 24.13 17.11
C SER A 1 4.13 23.31 16.17
N HIS A 2 5.12 22.62 16.72
CA HIS A 2 6.00 21.79 15.91
C HIS A 2 5.54 20.31 15.94
N MSE A 3 4.38 20.06 16.53
CA MSE A 3 3.77 18.73 16.43
C MSE A 3 3.39 18.43 14.98
O MSE A 3 3.07 19.33 14.19
CB MSE A 3 2.55 18.63 17.33
CG MSE A 3 2.83 18.67 18.85
SE MSE A 3 4.02 17.23 19.51
CE MSE A 3 5.67 18.28 19.48
H MSE A 3 3.92 20.63 16.99
HA MSE A 3 4.42 18.08 16.73
HB2 MSE A 3 1.94 19.36 17.13
HB3 MSE A 3 2.10 17.79 17.15
HG2 MSE A 3 3.26 19.52 19.06
HG3 MSE A 3 2.00 18.60 19.33
HE1 MSE A 3 6.40 17.72 19.78
HE2 MSE A 3 5.84 18.58 18.57
HE3 MSE A 3 5.56 19.04 20.06
N MSE A 4 3.39 17.16 14.66
CA MSE A 4 3.20 16.73 13.28
C MSE A 4 1.77 16.36 12.94
O MSE A 4 1.49 16.00 11.80
CB MSE A 4 4.11 15.53 13.01
CG MSE A 4 5.57 15.89 13.01
SE MSE A 4 6.10 17.00 11.53
CE MSE A 4 5.91 15.71 10.08
H MSE A 4 3.52 16.52 15.21
HA MSE A 4 3.49 17.44 12.70
HB2 MSE A 4 3.96 14.87 13.70
HB3 MSE A 4 3.89 15.17 12.14
HG2 MSE A 4 5.77 16.37 13.83
HG3 MSE A 4 6.09 15.07 12.98
HE1 MSE A 4 6.16 16.14 9.24
HE2 MSE A 4 6.49 14.95 10.25
HE3 MSE A 4 4.99 15.40 10.04
N GLY A 5 0.87 16.46 13.90
CA GLY A 5 -0.52 16.12 13.63
C GLY A 5 -0.75 14.63 13.69
N PRO A 6 -1.88 14.19 13.13
CA PRO A 6 -2.24 12.76 13.25
C PRO A 6 -1.15 11.84 12.66
N LYS A 7 -0.89 10.75 13.35
CA LYS A 7 0.01 9.73 12.86
C LYS A 7 -0.57 9.03 11.65
N SER A 8 0.32 8.65 10.76
CA SER A 8 -0.01 7.86 9.58
C SER A 8 0.87 6.62 9.51
N LYS A 9 0.37 5.62 8.81
CA LYS A 9 1.15 4.44 8.46
C LYS A 9 2.04 4.76 7.28
N VAL A 10 3.21 4.14 7.26
CA VAL A 10 4.06 4.18 6.08
C VAL A 10 3.56 3.12 5.10
N PHE A 11 3.13 3.58 3.93
CA PHE A 11 2.67 2.69 2.87
C PHE A 11 3.84 2.40 1.96
N VAL A 12 4.11 1.13 1.68
CA VAL A 12 5.30 0.73 0.93
C VAL A 12 4.90 -0.16 -0.24
N PRO A 13 4.87 0.39 -1.46
CA PRO A 13 4.68 -0.46 -2.63
C PRO A 13 6.01 -1.10 -2.94
N LEU A 14 6.24 -2.27 -2.39
CA LEU A 14 7.57 -2.87 -2.38
C LEU A 14 7.75 -3.73 -3.61
N TYR A 15 7.87 -3.07 -4.75
CA TYR A 15 7.99 -3.79 -6.03
C TYR A 15 9.47 -3.86 -6.40
N VAL A 16 10.30 -3.98 -5.37
CA VAL A 16 11.72 -4.24 -5.47
C VAL A 16 11.91 -5.73 -5.50
N TYR A 17 12.64 -6.26 -6.48
CA TYR A 17 12.88 -7.69 -6.50
C TYR A 17 13.76 -8.10 -5.29
N PRO A 18 13.37 -9.15 -4.55
CA PRO A 18 14.05 -9.51 -3.30
C PRO A 18 15.36 -10.28 -3.46
N ALA A 19 16.25 -9.74 -4.28
CA ALA A 19 17.61 -10.23 -4.30
C ALA A 19 18.20 -10.07 -2.91
N PRO A 20 19.20 -10.90 -2.55
CA PRO A 20 19.81 -10.73 -1.23
C PRO A 20 20.22 -9.27 -0.98
N GLY A 21 19.79 -8.74 0.16
CA GLY A 21 20.10 -7.37 0.54
C GLY A 21 19.16 -6.31 0.00
N ALA A 22 18.34 -6.64 -1.00
CA ALA A 22 17.55 -5.62 -1.68
C ALA A 22 16.52 -4.95 -0.78
N TRP A 23 15.96 -5.69 0.16
CA TRP A 23 14.95 -5.16 1.06
C TRP A 23 15.54 -4.59 2.35
N ASP A 24 16.86 -4.58 2.46
CA ASP A 24 17.52 -4.10 3.68
C ASP A 24 17.11 -2.69 4.06
N PRO A 25 16.97 -1.76 3.10
CA PRO A 25 16.61 -0.40 3.53
C PRO A 25 15.23 -0.34 4.17
N LEU A 26 14.35 -1.25 3.82
CA LEU A 26 13.05 -1.32 4.47
C LEU A 26 13.19 -1.98 5.82
N GLU A 27 13.89 -3.10 5.90
CA GLU A 27 14.02 -3.75 7.18
C GLU A 27 14.69 -2.83 8.18
N ASP A 28 15.65 -2.05 7.70
CA ASP A 28 16.38 -1.15 8.60
C ASP A 28 15.45 -0.12 9.25
N VAL A 29 14.53 0.47 8.49
CA VAL A 29 13.63 1.45 9.09
C VAL A 29 12.53 0.79 9.91
N ILE A 30 12.10 -0.41 9.55
CA ILE A 30 11.13 -1.14 10.34
C ILE A 30 11.70 -1.40 11.74
N SER A 31 12.96 -1.84 11.77
CA SER A 31 13.65 -2.15 13.01
C SER A 31 13.94 -0.89 13.83
N LYS A 32 14.30 0.19 13.15
CA LYS A 32 14.63 1.44 13.83
C LYS A 32 13.40 2.10 14.45
N HIS A 33 12.23 1.88 13.84
CA HIS A 33 11.00 2.57 14.24
C HIS A 33 9.89 1.57 14.55
N PRO A 34 10.03 0.84 15.66
CA PRO A 34 9.00 -0.16 16.01
C PRO A 34 7.65 0.47 16.31
N ASP A 35 7.63 1.77 16.59
CA ASP A 35 6.39 2.50 16.86
C ASP A 35 5.65 2.92 15.59
N VAL A 36 6.27 2.81 14.43
CA VAL A 36 5.65 3.15 13.15
C VAL A 36 5.05 1.89 12.58
N ASN A 37 3.82 1.99 12.06
CA ASN A 37 3.17 0.89 11.35
C ASN A 37 3.41 0.99 9.86
N PHE A 38 3.78 -0.14 9.26
CA PHE A 38 4.12 -0.22 7.85
C PHE A 38 3.12 -1.13 7.16
N THR A 39 2.54 -0.64 6.06
CA THR A 39 1.70 -1.43 5.20
C THR A 39 2.53 -1.73 3.96
N VAL A 40 2.85 -3.00 3.71
CA VAL A 40 3.84 -3.33 2.70
C VAL A 40 3.20 -4.22 1.66
N VAL A 41 3.13 -3.73 0.43
CA VAL A 41 2.55 -4.51 -0.66
C VAL A 41 3.64 -5.29 -1.35
N ILE A 42 3.49 -6.58 -1.43
CA ILE A 42 4.44 -7.39 -2.20
C ILE A 42 3.73 -7.91 -3.45
N ASN A 43 4.53 -8.14 -4.47
CA ASN A 43 4.03 -8.27 -5.82
C ASN A 43 5.00 -9.09 -6.66
N PRO A 44 4.92 -10.41 -6.55
CA PRO A 44 5.88 -11.23 -7.31
C PRO A 44 5.82 -11.04 -8.82
N GLY A 45 4.64 -10.86 -9.39
CA GLY A 45 4.50 -10.75 -10.84
C GLY A 45 3.13 -10.24 -11.23
N SER A 46 2.83 -9.00 -10.88
CA SER A 46 1.48 -8.44 -11.03
C SER A 46 0.47 -9.41 -10.46
N GLY A 47 0.76 -9.89 -9.26
CA GLY A 47 0.04 -10.99 -8.65
C GLY A 47 1.02 -11.95 -8.03
N PRO A 48 0.51 -13.08 -7.53
CA PRO A 48 1.35 -14.04 -6.81
C PRO A 48 2.15 -14.92 -7.76
N GLY A 49 1.93 -14.80 -9.06
CA GLY A 49 2.65 -15.60 -10.04
C GLY A 49 1.85 -16.84 -10.42
N PRO A 50 2.39 -17.60 -11.37
CA PRO A 50 1.63 -18.71 -11.97
C PRO A 50 1.64 -19.99 -11.16
N GLU A 51 2.39 -20.05 -10.07
CA GLU A 51 2.47 -21.26 -9.24
C GLU A 51 1.95 -20.98 -7.83
N ALA A 52 1.88 -22.02 -7.02
CA ALA A 52 1.32 -21.90 -5.68
C ALA A 52 2.20 -21.10 -4.76
N LEU A 53 3.50 -21.08 -5.03
CA LEU A 53 4.45 -20.30 -4.25
C LEU A 53 5.26 -19.42 -5.18
N PRO A 54 5.77 -18.31 -4.66
CA PRO A 54 6.67 -17.45 -5.43
C PRO A 54 8.07 -18.03 -5.40
N ASP A 55 9.04 -17.34 -6.01
CA ASP A 55 10.36 -17.93 -6.15
C ASP A 55 11.14 -17.95 -4.83
N GLY A 56 12.34 -18.51 -4.86
CA GLY A 56 13.08 -18.76 -3.64
C GLY A 56 13.56 -17.51 -2.95
N ASN A 57 13.74 -16.44 -3.72
CA ASN A 57 14.09 -15.16 -3.12
C ASN A 57 12.90 -14.62 -2.32
N TYR A 58 11.70 -14.67 -2.89
CA TYR A 58 10.51 -14.26 -2.17
C TYR A 58 10.26 -15.14 -0.96
N THR A 59 10.46 -16.45 -1.10
CA THR A 59 10.15 -17.33 0.04
C THR A 59 11.14 -17.14 1.17
N ARG A 60 12.35 -16.68 0.86
CA ARG A 60 13.32 -16.33 1.90
C ARG A 60 12.99 -14.99 2.57
N GLU A 61 12.69 -13.98 1.76
CA GLU A 61 12.61 -12.61 2.28
C GLU A 61 11.27 -12.24 2.89
N ILE A 62 10.18 -12.78 2.38
CA ILE A 62 8.88 -12.44 2.92
C ILE A 62 8.75 -12.79 4.41
N PRO A 63 9.15 -13.99 4.84
CA PRO A 63 9.03 -14.30 6.27
C PRO A 63 9.83 -13.37 7.17
N LYS A 64 10.93 -12.84 6.68
CA LYS A 64 11.72 -11.89 7.47
C LYS A 64 10.92 -10.63 7.77
N LEU A 65 10.20 -10.13 6.78
CA LEU A 65 9.37 -8.95 7.01
C LEU A 65 8.16 -9.29 7.86
N ALA A 66 7.56 -10.44 7.59
CA ALA A 66 6.36 -10.87 8.30
C ALA A 66 6.62 -11.05 9.79
N SER A 67 7.88 -11.29 10.16
CA SER A 67 8.24 -11.49 11.56
C SER A 67 8.12 -10.23 12.41
N TYR A 68 8.05 -9.06 11.79
CA TYR A 68 7.94 -7.81 12.55
C TYR A 68 6.49 -7.47 12.82
N GLU A 69 6.18 -7.20 14.07
CA GLU A 69 4.81 -6.99 14.49
C GLU A 69 4.22 -5.69 13.93
N ASN A 70 5.07 -4.74 13.57
CA ASN A 70 4.61 -3.47 13.01
C ASN A 70 4.53 -3.45 11.50
N VAL A 71 4.61 -4.63 10.88
CA VAL A 71 4.46 -4.77 9.45
C VAL A 71 3.15 -5.49 9.14
N ARG A 72 2.44 -4.99 8.15
CA ARG A 72 1.29 -5.68 7.59
C ARG A 72 1.52 -5.87 6.12
N LEU A 73 1.84 -7.10 5.73
CA LEU A 73 2.05 -7.44 4.34
C LEU A 73 0.71 -7.63 3.65
N LEU A 74 0.66 -7.15 2.41
CA LEU A 74 -0.51 -7.35 1.55
C LEU A 74 -0.05 -7.96 0.24
N GLY A 75 -0.88 -8.84 -0.30
CA GLY A 75 -0.62 -9.39 -1.63
C GLY A 75 -1.24 -8.52 -2.72
N TYR A 76 -0.46 -8.17 -3.74
CA TYR A 76 -0.94 -7.42 -4.89
C TYR A 76 -1.82 -8.28 -5.78
N VAL A 77 -3.01 -7.77 -6.11
CA VAL A 77 -3.91 -8.45 -7.06
C VAL A 77 -4.46 -7.40 -8.01
N ALA A 78 -4.33 -7.63 -9.31
CA ALA A 78 -4.86 -6.70 -10.29
C ALA A 78 -6.35 -6.92 -10.55
N THR A 79 -7.10 -5.85 -10.77
CA THR A 79 -8.51 -5.99 -11.14
C THR A 79 -8.86 -5.40 -12.50
N THR A 80 -7.91 -4.72 -13.15
CA THR A 80 -8.14 -4.13 -14.47
C THR A 80 -9.44 -3.31 -14.52
N TYR A 81 -9.59 -2.41 -13.55
CA TYR A 81 -10.76 -1.53 -13.50
C TYR A 81 -12.05 -2.33 -13.41
N ALA A 82 -11.96 -3.42 -12.65
CA ALA A 82 -13.10 -4.31 -12.38
C ALA A 82 -13.58 -5.04 -13.62
N LYS A 83 -12.76 -5.05 -14.67
CA LYS A 83 -13.07 -5.77 -15.88
C LYS A 83 -12.46 -7.17 -15.86
N ARG A 84 -11.51 -7.40 -14.96
CA ARG A 84 -10.89 -8.70 -14.87
C ARG A 84 -11.89 -9.69 -14.32
N ASN A 85 -11.97 -10.86 -14.95
CA ASN A 85 -12.87 -11.91 -14.52
C ASN A 85 -12.69 -12.17 -13.02
N ILE A 86 -13.78 -12.15 -12.28
CA ILE A 86 -13.71 -12.24 -10.83
C ILE A 86 -13.14 -13.59 -10.39
N SER A 87 -13.35 -14.64 -11.19
CA SER A 87 -12.77 -15.93 -10.83
C SER A 87 -11.24 -15.90 -10.89
N GLU A 88 -10.68 -15.07 -11.77
CA GLU A 88 -9.23 -14.96 -11.88
C GLU A 88 -8.70 -14.12 -10.73
N VAL A 89 -9.43 -13.09 -10.37
CA VAL A 89 -9.06 -12.29 -9.20
C VAL A 89 -9.08 -13.19 -7.95
N ARG A 90 -10.13 -13.99 -7.82
CA ARG A 90 -10.24 -14.89 -6.69
C ARG A 90 -9.11 -15.91 -6.66
N ARG A 91 -8.72 -16.44 -7.81
CA ARG A 91 -7.59 -17.37 -7.84
C ARG A 91 -6.36 -16.71 -7.23
N ASP A 92 -6.12 -15.46 -7.54
CA ASP A 92 -4.94 -14.78 -7.02
C ASP A 92 -5.06 -14.58 -5.50
N ILE A 93 -6.23 -14.16 -5.03
CA ILE A 93 -6.44 -14.01 -3.59
C ILE A 93 -6.16 -15.32 -2.88
N GLU A 94 -6.75 -16.39 -3.39
CA GLU A 94 -6.63 -17.70 -2.77
C GLU A 94 -5.20 -18.24 -2.82
N THR A 95 -4.46 -17.87 -3.84
CA THR A 95 -3.05 -18.28 -3.96
C THR A 95 -2.26 -17.68 -2.82
N TYR A 96 -2.36 -16.36 -2.61
CA TYR A 96 -1.69 -15.75 -1.47
C TYR A 96 -2.15 -16.39 -0.16
N ALA A 97 -3.45 -16.60 -0.02
CA ALA A 97 -3.98 -17.11 1.23
C ALA A 97 -3.41 -18.49 1.57
N ALA A 98 -3.14 -19.30 0.54
CA ALA A 98 -2.66 -20.65 0.75
C ALA A 98 -1.17 -20.72 0.95
N TRP A 99 -0.46 -19.60 0.79
CA TRP A 99 0.99 -19.60 0.96
C TRP A 99 1.50 -20.30 2.23
N PRO A 100 0.95 -19.98 3.42
CA PRO A 100 1.53 -20.60 4.62
C PRO A 100 1.29 -22.09 4.70
N THR A 101 0.17 -22.57 4.18
CA THR A 101 -0.11 -24.00 4.21
C THR A 101 0.67 -24.72 3.10
N GLN A 102 0.76 -24.11 1.92
CA GLN A 102 1.50 -24.71 0.80
C GLN A 102 2.98 -24.84 1.11
N SER A 103 3.51 -23.90 1.89
CA SER A 103 4.93 -23.89 2.22
C SER A 103 5.25 -24.54 3.55
N SER A 104 4.23 -24.82 4.36
CA SER A 104 4.43 -25.24 5.77
C SER A 104 5.28 -24.22 6.52
N ASN A 105 5.13 -22.95 6.18
CA ASN A 105 5.84 -21.86 6.85
C ASN A 105 4.82 -20.80 7.22
N ALA A 106 4.52 -20.72 8.51
CA ALA A 106 3.48 -19.82 8.97
C ALA A 106 3.77 -18.35 8.66
N ASN A 107 5.05 -18.02 8.50
CA ASN A 107 5.47 -16.64 8.21
C ASN A 107 5.57 -16.32 6.73
N LEU A 108 5.37 -17.32 5.87
CA LEU A 108 5.24 -17.04 4.45
C LEU A 108 3.77 -16.78 4.21
N ALA A 109 3.37 -15.55 4.41
CA ALA A 109 1.96 -15.21 4.45
C ALA A 109 1.79 -13.71 4.32
N VAL A 110 0.59 -13.33 3.90
CA VAL A 110 0.17 -11.92 3.92
C VAL A 110 -1.06 -11.79 4.80
N ARG A 111 -1.37 -10.55 5.17
CA ARG A 111 -2.45 -10.23 6.08
C ARG A 111 -3.59 -9.47 5.40
N GLY A 112 -3.63 -9.55 4.08
CA GLY A 112 -4.64 -8.90 3.32
C GLY A 112 -4.22 -8.77 1.88
N ILE A 113 -5.03 -8.02 1.12
CA ILE A 113 -4.87 -7.89 -0.31
C ILE A 113 -4.95 -6.43 -0.71
N PHE A 114 -4.06 -6.08 -1.64
CA PHE A 114 -4.01 -4.78 -2.30
C PHE A 114 -4.55 -4.97 -3.71
N PHE A 115 -5.73 -4.42 -4.00
CA PHE A 115 -6.37 -4.53 -5.31
C PHE A 115 -5.98 -3.33 -6.15
N ASP A 116 -5.19 -3.56 -7.19
CA ASP A 116 -4.77 -2.50 -8.07
C ASP A 116 -5.80 -2.24 -9.15
N GLU A 117 -5.81 -1.00 -9.60
CA GLU A 117 -6.63 -0.56 -10.73
C GLU A 117 -8.12 -0.70 -10.45
N THR A 118 -8.56 -0.32 -9.28
CA THR A 118 -10.00 -0.30 -9.04
C THR A 118 -10.58 0.93 -9.75
N PRO A 119 -11.85 0.87 -10.17
CA PRO A 119 -12.43 1.96 -10.95
C PRO A 119 -12.79 3.18 -10.12
N GLN A 120 -12.81 4.33 -10.76
CA GLN A 120 -13.26 5.56 -10.14
C GLN A 120 -14.75 5.76 -10.27
N GLN A 121 -15.31 5.38 -11.41
CA GLN A 121 -16.69 5.70 -11.69
C GLN A 121 -17.64 4.81 -10.91
N TYR A 122 -18.69 5.40 -10.37
CA TYR A 122 -19.71 4.62 -9.70
C TYR A 122 -20.56 3.84 -10.68
N ASP A 123 -20.76 2.57 -10.36
CA ASP A 123 -21.73 1.72 -11.03
C ASP A 123 -22.11 0.62 -10.04
N ALA A 124 -23.40 0.31 -9.97
CA ALA A 124 -23.90 -0.66 -8.99
C ALA A 124 -23.27 -2.04 -9.15
N ASP A 125 -23.00 -2.43 -10.40
CA ASP A 125 -22.41 -3.74 -10.65
C ASP A 125 -20.96 -3.76 -10.17
N ILE A 126 -20.27 -2.64 -10.34
CA ILE A 126 -18.91 -2.54 -9.86
C ILE A 126 -18.89 -2.59 -8.34
N LEU A 127 -19.81 -1.86 -7.70
CA LEU A 127 -19.89 -1.91 -6.25
C LEU A 127 -20.08 -3.35 -5.77
N ALA A 128 -20.97 -4.10 -6.43
CA ALA A 128 -21.21 -5.49 -6.06
C ALA A 128 -19.94 -6.36 -6.22
N TYR A 129 -19.19 -6.10 -7.28
CA TYR A 129 -17.95 -6.80 -7.54
C TYR A 129 -16.95 -6.52 -6.44
N LEU A 130 -16.77 -5.25 -6.09
CA LEU A 130 -15.82 -4.90 -5.04
C LEU A 130 -16.25 -5.45 -3.69
N ARG A 131 -17.54 -5.42 -3.40
CA ARG A 131 -18.03 -5.97 -2.13
C ARG A 131 -17.80 -7.48 -2.05
N GLU A 132 -18.01 -8.16 -3.18
CA GLU A 132 -17.73 -9.59 -3.22
C GLU A 132 -16.26 -9.86 -2.95
N LEU A 133 -15.38 -9.07 -3.54
CA LEU A 133 -13.96 -9.26 -3.30
C LEU A 133 -13.60 -9.06 -1.84
N THR A 134 -14.18 -8.07 -1.19
CA THR A 134 -13.94 -7.88 0.23
C THR A 134 -14.43 -9.09 1.02
N ASP A 135 -15.62 -9.60 0.68
CA ASP A 135 -16.11 -10.81 1.34
C ASP A 135 -15.14 -11.98 1.19
N VAL A 136 -14.58 -12.12 0.01
CA VAL A 136 -13.61 -13.19 -0.24
C VAL A 136 -12.38 -12.99 0.63
N VAL A 137 -11.83 -11.79 0.69
CA VAL A 137 -10.66 -11.56 1.50
C VAL A 137 -10.96 -11.83 2.98
N LYS A 138 -12.08 -11.31 3.46
CA LYS A 138 -12.43 -11.45 4.87
C LYS A 138 -12.75 -12.90 5.24
N GLY A 139 -13.14 -13.72 4.27
CA GLY A 139 -13.58 -15.08 4.55
C GLY A 139 -12.60 -16.19 4.23
N THR A 140 -11.43 -15.83 3.71
CA THR A 140 -10.47 -16.83 3.27
C THR A 140 -9.37 -17.04 4.31
N SER A 141 -9.26 -18.28 4.78
CA SER A 141 -8.23 -18.63 5.75
C SER A 141 -6.87 -18.40 5.13
N GLY A 142 -5.95 -17.85 5.92
CA GLY A 142 -4.60 -17.58 5.48
C GLY A 142 -4.30 -16.09 5.31
N LEU A 143 -5.33 -15.26 5.36
CA LEU A 143 -5.17 -13.81 5.24
C LEU A 143 -5.38 -13.10 6.57
N GLY A 144 -5.47 -13.87 7.65
CA GLY A 144 -5.69 -13.30 8.97
C GLY A 144 -4.40 -12.94 9.68
N PRO A 145 -4.53 -12.31 10.85
CA PRO A 145 -5.82 -12.01 11.47
C PRO A 145 -6.56 -10.81 10.88
N ASP A 146 -5.84 -10.00 10.12
CA ASP A 146 -6.38 -8.70 9.73
C ASP A 146 -7.36 -8.74 8.56
N HIS A 147 -7.08 -9.59 7.58
CA HIS A 147 -7.87 -9.64 6.36
C HIS A 147 -8.07 -8.24 5.78
N TYR A 148 -6.98 -7.50 5.69
CA TYR A 148 -7.01 -6.11 5.25
C TYR A 148 -7.32 -6.02 3.76
N VAL A 149 -8.02 -4.97 3.38
CA VAL A 149 -8.34 -4.70 1.98
C VAL A 149 -7.94 -3.28 1.64
N VAL A 150 -7.09 -3.13 0.62
CA VAL A 150 -6.72 -1.81 0.10
C VAL A 150 -7.08 -1.77 -1.37
N HIS A 151 -7.63 -0.64 -1.81
CA HIS A 151 -7.92 -0.39 -3.21
C HIS A 151 -6.98 0.67 -3.75
N ASN A 152 -6.56 0.52 -5.00
CA ASN A 152 -5.81 1.57 -5.68
C ASN A 152 -6.45 2.02 -6.99
N PRO A 153 -7.37 3.00 -6.90
CA PRO A 153 -7.89 3.61 -8.11
C PRO A 153 -6.91 4.62 -8.69
N GLY A 154 -5.89 4.99 -7.93
CA GLY A 154 -4.87 5.90 -8.41
C GLY A 154 -5.36 7.33 -8.62
N ALA A 155 -6.50 7.65 -8.02
CA ALA A 155 -7.22 8.90 -8.22
C ALA A 155 -8.45 8.81 -7.34
N ILE A 156 -9.23 9.88 -7.26
CA ILE A 156 -10.35 9.87 -6.34
C ILE A 156 -11.54 9.10 -6.93
N PRO A 157 -11.99 8.02 -6.27
CA PRO A 157 -13.16 7.31 -6.78
C PRO A 157 -14.42 7.88 -6.21
N ASP A 158 -15.57 7.47 -6.71
CA ASP A 158 -16.83 7.84 -6.07
C ASP A 158 -16.76 7.39 -4.60
N SER A 159 -17.28 8.24 -3.71
CA SER A 159 -17.11 8.01 -2.29
C SER A 159 -17.79 6.73 -1.82
N ARG A 160 -18.78 6.24 -2.55
CA ARG A 160 -19.47 5.02 -2.16
C ARG A 160 -18.55 3.81 -2.17
N TYR A 161 -17.43 3.89 -2.85
CA TYR A 161 -16.48 2.79 -2.84
C TYR A 161 -15.60 2.75 -1.58
N LEU A 162 -15.46 3.88 -0.89
CA LEU A 162 -14.48 3.96 0.18
C LEU A 162 -14.77 2.98 1.31
N SER A 163 -16.03 2.74 1.60
CA SER A 163 -16.36 1.88 2.74
C SER A 163 -16.18 0.39 2.42
N THR A 164 -15.90 0.05 1.17
CA THR A 164 -15.64 -1.33 0.80
C THR A 164 -14.20 -1.77 1.04
N ALA A 165 -13.33 -0.83 1.40
CA ALA A 165 -11.92 -1.11 1.64
C ALA A 165 -11.52 -0.50 2.98
N ASP A 166 -10.45 -1.02 3.57
CA ASP A 166 -9.86 -0.41 4.74
C ASP A 166 -9.14 0.88 4.41
N SER A 167 -8.49 0.91 3.25
CA SER A 167 -7.85 2.13 2.74
C SER A 167 -7.92 2.15 1.24
N THR A 168 -8.00 3.36 0.68
CA THR A 168 -8.03 3.56 -0.74
C THR A 168 -6.97 4.58 -1.12
N VAL A 169 -6.14 4.23 -2.09
CA VAL A 169 -5.15 5.14 -2.64
C VAL A 169 -5.84 6.12 -3.57
N VAL A 170 -6.09 7.32 -3.07
CA VAL A 170 -6.83 8.32 -3.81
C VAL A 170 -5.95 9.32 -4.53
N PHE A 171 -4.64 9.25 -4.30
CA PHE A 171 -3.69 10.09 -5.01
C PHE A 171 -2.48 9.22 -5.27
N GLU A 172 -2.07 9.11 -6.53
CA GLU A 172 -0.89 8.35 -6.92
C GLU A 172 -0.29 9.07 -8.12
N ALA A 173 0.63 9.98 -7.88
CA ALA A 173 1.12 10.82 -8.95
C ALA A 173 2.35 11.57 -8.51
N THR A 174 2.88 12.40 -9.39
CA THR A 174 4.05 13.18 -9.07
C THR A 174 3.74 14.29 -8.07
N TYR A 175 4.81 14.76 -7.43
CA TYR A 175 4.74 15.94 -6.60
C TYR A 175 4.20 17.15 -7.39
N ALA A 176 4.65 17.30 -8.64
CA ALA A 176 4.16 18.40 -9.47
C ALA A 176 2.64 18.36 -9.60
N THR A 177 2.09 17.19 -9.82
CA THR A 177 0.64 17.05 -9.91
C THR A 177 -0.04 17.34 -8.57
N PHE A 178 0.56 16.88 -7.49
CA PHE A 178 0.05 17.16 -6.16
C PHE A 178 -0.10 18.67 -5.96
N GLN A 179 0.94 19.42 -6.33
CA GLN A 179 0.91 20.87 -6.19
C GLN A 179 -0.08 21.53 -7.13
N GLU A 180 -0.19 21.02 -8.35
CA GLU A 180 -1.15 21.59 -9.29
C GLU A 180 -2.56 21.53 -8.72
N ARG A 181 -2.85 20.49 -7.95
CA ARG A 181 -4.17 20.31 -7.38
C ARG A 181 -4.26 20.86 -5.95
N HIS A 182 -3.27 21.68 -5.58
CA HIS A 182 -3.25 22.36 -4.27
C HIS A 182 -3.10 21.43 -3.08
N GLY A 183 -2.41 20.32 -3.32
CA GLY A 183 -1.97 19.48 -2.26
C GLY A 183 -3.10 18.89 -1.45
N ALA A 184 -2.99 19.05 -0.13
CA ALA A 184 -3.97 18.48 0.78
C ALA A 184 -5.38 18.98 0.50
N GLU A 185 -5.51 20.17 -0.09
CA GLU A 185 -6.83 20.68 -0.44
C GLU A 185 -7.63 19.75 -1.34
N LEU A 186 -6.96 18.99 -2.18
CA LEU A 186 -7.65 18.06 -3.06
C LEU A 186 -8.46 17.05 -2.24
N PHE A 187 -7.92 16.67 -1.10
CA PHE A 187 -8.60 15.68 -0.25
C PHE A 187 -9.90 16.23 0.34
N ASP A 188 -9.97 17.54 0.49
CA ASP A 188 -11.16 18.18 1.04
C ASP A 188 -12.36 18.09 0.10
N THR A 189 -12.12 17.78 -1.17
CA THR A 189 -13.20 17.65 -2.14
C THR A 189 -13.95 16.33 -2.05
N ILE A 190 -13.40 15.38 -1.30
CA ILE A 190 -13.96 14.04 -1.26
C ILE A 190 -15.05 13.95 -0.21
N PRO A 191 -16.30 13.72 -0.63
CA PRO A 191 -17.37 13.68 0.36
C PRO A 191 -17.39 12.34 1.09
N ASP A 192 -18.07 12.30 2.25
CA ASP A 192 -18.33 11.06 2.98
C ASP A 192 -17.04 10.29 3.24
N SER A 193 -15.99 11.02 3.61
CA SER A 193 -14.67 10.44 3.77
C SER A 193 -13.99 10.90 5.04
N HIS A 194 -13.02 10.10 5.46
CA HIS A 194 -12.21 10.39 6.63
C HIS A 194 -10.79 9.98 6.29
N ARG A 195 -9.82 10.66 6.87
CA ARG A 195 -8.41 10.36 6.60
C ARG A 195 -8.09 8.89 6.83
N ASP A 196 -8.74 8.23 7.78
CA ASP A 196 -8.47 6.82 8.07
C ASP A 196 -8.77 5.90 6.89
N GLN A 197 -9.56 6.37 5.95
CA GLN A 197 -9.91 5.60 4.76
C GLN A 197 -8.95 5.80 3.58
N LEU A 198 -8.00 6.72 3.71
CA LEU A 198 -7.29 7.25 2.55
C LEU A 198 -5.79 7.07 2.61
N CYS A 199 -5.23 6.81 1.44
CA CYS A 199 -3.79 6.70 1.25
C CYS A 199 -3.35 7.64 0.16
N ALA A 200 -2.14 8.17 0.31
CA ALA A 200 -1.53 9.07 -0.65
C ALA A 200 -0.16 8.54 -1.03
N VAL A 201 0.08 8.50 -2.34
CA VAL A 201 1.36 8.09 -2.91
C VAL A 201 1.88 9.25 -3.77
N ILE A 202 3.00 9.81 -3.35
CA ILE A 202 3.58 10.96 -4.04
C ILE A 202 5.00 10.59 -4.41
N HIS A 203 5.28 10.48 -5.70
CA HIS A 203 6.61 10.19 -6.18
C HIS A 203 7.17 11.39 -6.91
N SER A 204 8.42 11.27 -7.38
CA SER A 204 9.02 12.33 -8.20
C SER A 204 9.12 13.63 -7.43
N VAL A 205 9.31 13.55 -6.13
CA VAL A 205 9.52 14.78 -5.34
C VAL A 205 10.90 15.34 -5.66
N PRO A 206 10.99 16.64 -6.02
CA PRO A 206 12.30 17.23 -6.29
C PRO A 206 13.21 17.11 -5.08
N THR A 207 14.51 16.92 -5.32
CA THR A 207 15.41 16.70 -4.20
C THR A 207 15.51 17.92 -3.30
N SER A 208 15.13 19.10 -3.81
CA SER A 208 15.15 20.32 -3.01
C SER A 208 14.07 20.34 -1.92
N VAL A 209 13.08 19.46 -2.04
CA VAL A 209 12.12 19.28 -0.97
C VAL A 209 12.77 18.36 0.07
N GLU A 210 13.54 18.98 0.95
CA GLU A 210 14.41 18.29 1.90
C GLU A 210 14.36 19.06 3.21
N GLY A 211 14.86 18.47 4.29
CA GLY A 211 14.92 19.16 5.57
C GLY A 211 13.55 19.61 6.01
N SER A 212 13.48 20.85 6.46
CA SER A 212 12.20 21.39 6.92
C SER A 212 11.16 21.45 5.82
N ASP A 213 11.56 21.55 4.55
CA ASP A 213 10.60 21.54 3.45
C ASP A 213 9.91 20.17 3.38
N LEU A 214 10.67 19.10 3.57
CA LEU A 214 10.10 17.76 3.57
C LEU A 214 9.23 17.55 4.82
N ARG A 215 9.66 18.07 5.95
CA ARG A 215 8.86 18.01 7.18
C ARG A 215 7.49 18.62 6.91
N GLY A 216 7.45 19.79 6.28
CA GLY A 216 6.18 20.44 5.99
C GLY A 216 5.30 19.60 5.09
N LEU A 217 5.88 19.00 4.05
CA LEU A 217 5.09 18.14 3.18
C LEU A 217 4.51 16.96 3.94
N VAL A 218 5.32 16.28 4.72
CA VAL A 218 4.82 15.13 5.48
C VAL A 218 3.68 15.54 6.42
N LYS A 219 3.85 16.66 7.13
CA LYS A 219 2.79 17.13 8.01
C LYS A 219 1.50 17.40 7.24
N GLN A 220 1.61 18.05 6.08
CA GLN A 220 0.43 18.39 5.29
C GLN A 220 -0.32 17.12 4.89
N VAL A 221 0.40 16.09 4.47
CA VAL A 221 -0.24 14.87 4.01
C VAL A 221 -0.80 14.07 5.18
N ARG A 222 -0.10 14.05 6.32
CA ARG A 222 -0.59 13.35 7.49
C ARG A 222 -1.97 13.84 7.90
N GLN A 223 -2.27 15.11 7.67
CA GLN A 223 -3.55 15.61 8.07
C GLN A 223 -4.70 14.94 7.34
N VAL A 224 -4.46 14.53 6.10
CA VAL A 224 -5.53 14.10 5.22
C VAL A 224 -5.49 12.63 4.83
N ALA A 225 -4.39 11.92 5.10
CA ALA A 225 -4.26 10.52 4.68
C ALA A 225 -3.58 9.70 5.76
N ASP A 226 -4.21 8.60 6.14
CA ASP A 226 -3.69 7.76 7.22
C ASP A 226 -2.62 6.78 6.74
N GLU A 227 -2.37 6.68 5.43
CA GLU A 227 -1.26 5.89 4.91
C GLU A 227 -0.58 6.70 3.83
N ILE A 228 0.74 6.75 3.84
CA ILE A 228 1.50 7.66 2.98
C ILE A 228 2.78 7.00 2.47
N PHE A 229 3.04 7.19 1.17
CA PHE A 229 4.35 6.90 0.59
C PHE A 229 4.80 8.16 -0.13
N ILE A 230 6.02 8.61 0.19
CA ILE A 230 6.64 9.75 -0.49
C ILE A 230 8.03 9.33 -0.92
N THR A 231 8.38 9.59 -2.18
CA THR A 231 9.71 9.30 -2.67
C THR A 231 10.19 10.34 -3.65
N HIS A 232 11.50 10.55 -3.61
CA HIS A 232 12.18 11.49 -4.49
C HIS A 232 12.62 10.84 -5.79
N LEU A 233 12.39 9.54 -5.97
CA LEU A 233 12.67 8.92 -7.28
C LEU A 233 11.63 9.34 -8.32
N GLU A 234 12.09 9.61 -9.54
CA GLU A 234 11.19 9.94 -10.64
C GLU A 234 11.13 8.81 -11.67
N THR A 235 11.98 7.80 -11.48
CA THR A 235 12.01 6.60 -12.32
C THR A 235 12.12 5.41 -11.38
N ASP A 236 11.38 4.35 -11.67
CA ASP A 236 11.43 3.13 -10.86
C ASP A 236 11.15 3.41 -9.40
N TYR A 237 10.16 4.29 -9.18
CA TYR A 237 9.86 4.78 -7.86
C TYR A 237 9.21 3.76 -6.92
N TYR A 238 8.79 2.60 -7.42
CA TYR A 238 8.33 1.51 -6.56
C TYR A 238 9.30 0.36 -6.56
N ALA A 239 10.46 0.52 -7.20
CA ALA A 239 11.40 -0.57 -7.34
C ALA A 239 12.77 -0.21 -6.80
N GLY A 240 12.83 0.83 -5.99
CA GLY A 240 14.06 1.23 -5.34
C GLY A 240 13.68 2.22 -4.26
N PHE A 241 14.67 2.55 -3.43
CA PHE A 241 14.48 3.47 -2.33
C PHE A 241 14.98 4.85 -2.68
N GLY A 242 14.18 5.87 -2.37
CA GLY A 242 14.55 7.23 -2.66
C GLY A 242 15.68 7.70 -1.77
N GLY A 243 16.33 8.77 -2.20
CA GLY A 243 17.46 9.30 -1.48
C GLY A 243 17.15 9.85 -0.09
N GLN A 244 15.89 10.10 0.20
CA GLN A 244 15.48 10.60 1.52
C GLN A 244 14.51 9.64 2.20
N TRP A 245 14.60 8.36 1.85
CA TRP A 245 13.73 7.35 2.45
C TRP A 245 13.83 7.33 3.98
N SER A 246 15.05 7.31 4.51
CA SER A 246 15.19 7.24 5.97
C SER A 246 14.64 8.52 6.61
N GLU A 247 14.87 9.68 5.99
CA GLU A 247 14.38 10.94 6.50
C GLU A 247 12.85 10.97 6.48
N PHE A 248 12.25 10.48 5.39
CA PHE A 248 10.81 10.38 5.31
C PHE A 248 10.25 9.53 6.46
N VAL A 249 10.81 8.35 6.68
CA VAL A 249 10.28 7.50 7.72
C VAL A 249 10.51 8.14 9.11
N ASP A 250 11.65 8.81 9.31
CA ASP A 250 11.90 9.52 10.56
C ASP A 250 10.79 10.56 10.81
N LEU A 251 10.36 11.24 9.77
CA LEU A 251 9.32 12.25 9.92
C LEU A 251 7.98 11.60 10.18
N MSE A 252 7.75 10.43 9.62
CA MSE A 252 6.54 9.68 9.91
C MSE A 252 6.52 9.21 11.37
O MSE A 252 5.45 9.08 11.96
CB MSE A 252 6.38 8.52 8.93
CG MSE A 252 6.19 9.02 7.49
SE MSE A 252 4.39 9.67 7.15
CE MSE A 252 3.54 7.95 7.03
H MSE A 252 8.28 10.05 9.06
HA MSE A 252 5.78 10.26 9.78
HB2 MSE A 252 7.18 7.96 8.95
HB3 MSE A 252 5.60 7.99 9.17
HG2 MSE A 252 6.81 9.74 7.33
HG3 MSE A 252 6.37 8.28 6.88
HE1 MSE A 252 2.60 8.06 6.85
HE2 MSE A 252 3.95 7.45 6.30
HE3 MSE A 252 3.66 7.46 7.86
N ALA A 253 7.70 8.98 11.95
CA ALA A 253 7.84 8.56 13.33
C ALA A 253 7.72 9.72 14.32
N SER A 254 7.72 10.94 13.81
CA SER A 254 7.75 12.15 14.63
C SER A 254 6.35 12.65 14.99
C1 EDO B . 1.06 2.19 -5.26
O1 EDO B . -0.25 2.77 -5.25
C2 EDO B . 1.43 1.47 -6.56
O2 EDO B . 0.70 0.25 -6.72
H11 EDO B . 1.80 2.97 -5.07
H12 EDO B . 1.14 1.48 -4.44
HO1 EDO B . -0.41 3.20 -4.41
H21 EDO B . 1.21 2.14 -7.40
H22 EDO B . 2.49 1.26 -6.56
HO2 EDO B . 0.95 -0.18 -7.56
C1 EDO C . 9.10 0.93 -2.09
O1 EDO C . 9.70 0.52 -3.31
C2 EDO C . 10.22 1.39 -1.17
O2 EDO C . 10.76 2.62 -1.65
H11 EDO C . 8.39 1.75 -2.26
H12 EDO C . 8.56 0.10 -1.63
HO1 EDO C . 9.02 0.22 -3.93
H21 EDO C . 11.00 0.64 -1.12
H22 EDO C . 9.82 1.54 -0.16
HO2 EDO C . 11.47 2.92 -1.07
#